data_6YS4
#
_entry.id   6YS4
#
_cell.length_a   40.004
_cell.length_b   62.004
_cell.length_c   153.748
_cell.angle_alpha   90.00
_cell.angle_beta   96.28
_cell.angle_gamma   90.00
#
_symmetry.space_group_name_H-M   'P 1 21 1'
#
loop_
_entity.id
_entity.type
_entity.pdbx_description
1 polymer 'Spindle assembly abnormal protein 6 homolog'
2 non-polymer 'TETRAETHYLENE GLYCOL'
3 non-polymer GLYCINE
4 water water
#
_entity_poly.entity_id   1
_entity_poly.type   'polypeptide(L)'
_entity_poly.pdbx_seq_one_letter_code
;GPSQELTNEKEKALQAQVQYQQQHEQQKKDLEILHQQNIHQLQNR(MSE)SELEAANKDLTERKYKGDSTIRELKAKLSG
VEEELQRTKQEVLSLRRENSTLDVECHE
;
_entity_poly.pdbx_strand_id   A,B,C,D,E,F
#
# COMPACT_ATOMS: atom_id res chain seq x y z
N GLY A 1 -72.17 10.38 -56.48
CA GLY A 1 -71.18 9.67 -57.30
C GLY A 1 -70.76 8.31 -56.75
N PRO A 2 -71.25 7.21 -57.38
CA PRO A 2 -70.89 5.85 -56.89
C PRO A 2 -69.42 5.47 -57.06
N SER A 3 -68.86 5.78 -58.26
CA SER A 3 -67.48 5.56 -58.62
C SER A 3 -66.59 6.66 -58.02
N GLN A 4 -67.14 7.87 -57.73
CA GLN A 4 -66.43 8.98 -57.09
C GLN A 4 -66.05 8.60 -55.64
N GLU A 5 -66.91 7.81 -54.97
CA GLU A 5 -66.70 7.27 -53.62
C GLU A 5 -65.54 6.25 -53.66
N LEU A 6 -65.48 5.46 -54.77
CA LEU A 6 -64.45 4.45 -55.03
C LEU A 6 -63.11 5.13 -55.32
N THR A 7 -63.13 6.22 -56.14
CA THR A 7 -61.91 6.99 -56.47
C THR A 7 -61.38 7.70 -55.21
N ASN A 8 -62.29 8.04 -54.28
CA ASN A 8 -61.95 8.66 -53.00
C ASN A 8 -61.16 7.67 -52.11
N GLU A 9 -61.56 6.38 -52.13
CA GLU A 9 -60.87 5.33 -51.35
C GLU A 9 -59.47 5.05 -51.89
N LYS A 10 -59.30 5.08 -53.23
CA LYS A 10 -57.99 4.87 -53.86
C LYS A 10 -57.05 6.05 -53.56
N GLU A 11 -57.60 7.29 -53.52
CA GLU A 11 -56.89 8.54 -53.20
C GLU A 11 -56.37 8.47 -51.74
N LYS A 12 -57.24 8.00 -50.82
CA LYS A 12 -57.02 7.81 -49.39
C LYS A 12 -55.90 6.81 -49.14
N ALA A 13 -55.90 5.66 -49.86
CA ALA A 13 -54.91 4.60 -49.72
C ALA A 13 -53.53 5.11 -50.12
N LEU A 14 -53.45 5.95 -51.17
CA LEU A 14 -52.17 6.54 -51.60
C LEU A 14 -51.65 7.49 -50.51
N GLN A 15 -52.57 8.28 -49.94
CA GLN A 15 -52.24 9.23 -48.89
C GLN A 15 -51.79 8.51 -47.58
N ALA A 16 -52.40 7.34 -47.26
CA ALA A 16 -52.10 6.51 -46.10
C ALA A 16 -50.68 5.89 -46.24
N GLN A 17 -50.25 5.51 -47.48
CA GLN A 17 -48.92 4.97 -47.74
CA GLN A 17 -48.92 4.97 -47.74
C GLN A 17 -47.86 6.07 -47.50
N VAL A 18 -48.16 7.31 -47.90
CA VAL A 18 -47.26 8.46 -47.74
C VAL A 18 -47.05 8.72 -46.22
N GLN A 19 -48.15 8.69 -45.45
CA GLN A 19 -48.16 8.90 -44.01
C GLN A 19 -47.38 7.83 -43.26
N TYR A 20 -47.51 6.56 -43.70
CA TYR A 20 -46.79 5.43 -43.13
C TYR A 20 -45.29 5.65 -43.27
N GLN A 21 -44.82 5.96 -44.54
CA GLN A 21 -43.40 6.16 -44.83
C GLN A 21 -42.88 7.30 -43.93
N GLN A 22 -43.65 8.42 -43.78
CA GLN A 22 -43.23 9.54 -42.93
C GLN A 22 -43.08 9.14 -41.46
N GLN A 23 -44.04 8.36 -40.92
CA GLN A 23 -44.04 7.86 -39.55
C GLN A 23 -42.91 6.84 -39.32
N HIS A 24 -42.58 6.04 -40.32
CA HIS A 24 -41.48 5.07 -40.22
C HIS A 24 -40.13 5.80 -40.15
N GLU A 25 -39.96 6.87 -40.95
CA GLU A 25 -38.77 7.71 -40.94
C GLU A 25 -38.65 8.49 -39.63
N GLN A 26 -39.76 9.02 -39.12
CA GLN A 26 -39.79 9.77 -37.87
C GLN A 26 -39.44 8.86 -36.67
N GLN A 27 -39.96 7.59 -36.62
CA GLN A 27 -39.60 6.67 -35.55
C GLN A 27 -38.09 6.40 -35.56
N LYS A 28 -37.48 6.21 -36.75
CA LYS A 28 -36.04 5.96 -36.91
C LYS A 28 -35.24 7.14 -36.37
N LYS A 29 -35.61 8.39 -36.74
CA LYS A 29 -34.94 9.60 -36.29
C LYS A 29 -35.03 9.76 -34.76
N ASP A 30 -36.21 9.55 -34.18
CA ASP A 30 -36.44 9.64 -32.72
C ASP A 30 -35.60 8.59 -31.99
N LEU A 31 -35.55 7.33 -32.51
CA LEU A 31 -34.75 6.27 -31.88
C LEU A 31 -33.24 6.57 -31.89
N GLU A 32 -32.68 7.13 -33.03
CA GLU A 32 -31.27 7.51 -33.18
C GLU A 32 -30.95 8.64 -32.20
N ILE A 33 -31.85 9.61 -32.02
CA ILE A 33 -31.66 10.69 -31.04
C ILE A 33 -31.60 10.14 -29.61
N LEU A 34 -32.49 9.22 -29.25
CA LEU A 34 -32.49 8.59 -27.91
C LEU A 34 -31.18 7.82 -27.74
N HIS A 35 -30.71 7.19 -28.83
CA HIS A 35 -29.46 6.42 -28.79
C HIS A 35 -28.26 7.29 -28.46
N GLN A 36 -28.11 8.43 -29.18
CA GLN A 36 -27.03 9.39 -28.96
C GLN A 36 -27.00 9.83 -27.50
N GLN A 37 -28.19 10.06 -26.87
CA GLN A 37 -28.30 10.51 -25.49
C GLN A 37 -27.83 9.38 -24.54
N ASN A 38 -28.12 8.13 -24.94
CA ASN A 38 -27.76 6.94 -24.18
C ASN A 38 -26.25 6.69 -24.15
N ILE A 39 -25.53 7.05 -25.23
CA ILE A 39 -24.08 6.79 -25.35
C ILE A 39 -23.22 8.05 -25.13
N HIS A 40 -23.82 9.24 -24.96
CA HIS A 40 -23.15 10.51 -24.89
C HIS A 40 -22.10 10.58 -23.79
N GLN A 41 -22.50 10.39 -22.53
CA GLN A 41 -21.65 10.40 -21.36
C GLN A 41 -20.54 9.34 -21.41
N LEU A 42 -20.86 8.14 -21.92
CA LEU A 42 -19.93 7.04 -22.04
C LEU A 42 -18.88 7.37 -23.12
N GLN A 43 -19.28 7.94 -24.28
CA GLN A 43 -18.29 8.31 -25.31
C GLN A 43 -17.31 9.38 -24.83
N ASN A 44 -17.82 10.35 -24.05
CA ASN A 44 -17.04 11.41 -23.46
C ASN A 44 -16.05 10.91 -22.41
N ARG A 45 -16.48 9.97 -21.52
CA ARG A 45 -15.61 9.38 -20.47
C ARG A 45 -14.53 8.49 -21.09
N SER A 47 -13.20 8.98 -24.32
CA SER A 47 -12.23 9.86 -24.95
C SER A 47 -11.28 10.50 -23.92
N GLU A 48 -11.83 10.82 -22.73
CA GLU A 48 -11.09 11.41 -21.64
C GLU A 48 -10.08 10.40 -21.09
N LEU A 49 -10.51 9.12 -20.92
CA LEU A 49 -9.67 8.05 -20.41
C LEU A 49 -8.60 7.63 -21.41
N GLU A 50 -8.87 7.74 -22.74
CA GLU A 50 -7.86 7.47 -23.76
C GLU A 50 -6.79 8.52 -23.73
N ALA A 51 -7.16 9.81 -23.56
CA ALA A 51 -6.20 10.90 -23.51
C ALA A 51 -5.35 10.84 -22.23
N ALA A 52 -5.95 10.47 -21.09
CA ALA A 52 -5.22 10.30 -19.83
C ALA A 52 -4.21 9.15 -19.95
N ASN A 53 -4.60 8.07 -20.67
CA ASN A 53 -3.73 6.90 -20.91
C ASN A 53 -2.57 7.26 -21.81
N LYS A 54 -2.80 8.10 -22.84
CA LYS A 54 -1.76 8.56 -23.75
C LYS A 54 -0.73 9.37 -22.98
N ASP A 55 -1.20 10.25 -22.08
CA ASP A 55 -0.34 11.07 -21.22
C ASP A 55 0.47 10.23 -20.25
N LEU A 56 -0.15 9.19 -19.65
CA LEU A 56 0.57 8.29 -18.74
C LEU A 56 1.66 7.47 -19.44
N THR A 57 1.38 6.99 -20.68
CA THR A 57 2.32 6.19 -21.45
C THR A 57 3.56 7.06 -21.81
N GLU A 58 3.30 8.35 -22.16
CA GLU A 58 4.32 9.35 -22.46
C GLU A 58 5.20 9.59 -21.22
N ARG A 59 4.57 9.77 -20.05
CA ARG A 59 5.22 9.99 -18.76
C ARG A 59 6.11 8.80 -18.37
N LYS A 60 5.63 7.57 -18.66
CA LYS A 60 6.33 6.31 -18.36
C LYS A 60 7.64 6.24 -19.15
N TYR A 61 7.60 6.57 -20.47
CA TYR A 61 8.79 6.59 -21.31
C TYR A 61 9.85 7.57 -20.80
N LYS A 62 9.43 8.76 -20.36
CA LYS A 62 10.33 9.76 -19.75
C LYS A 62 10.96 9.22 -18.46
N GLY A 63 10.16 8.51 -17.64
CA GLY A 63 10.56 7.86 -16.42
C GLY A 63 11.61 6.80 -16.66
N ASP A 64 11.47 6.03 -17.75
CA ASP A 64 12.47 5.00 -18.09
C ASP A 64 13.82 5.60 -18.42
N SER A 65 13.84 6.74 -19.14
CA SER A 65 15.08 7.40 -19.55
C SER A 65 15.77 8.07 -18.36
N THR A 66 14.97 8.61 -17.40
CA THR A 66 15.46 9.17 -16.14
C THR A 66 16.15 8.04 -15.34
N ILE A 67 15.52 6.87 -15.22
CA ILE A 67 16.08 5.71 -14.53
C ILE A 67 17.43 5.31 -15.18
N ARG A 68 17.48 5.26 -16.53
CA ARG A 68 18.68 4.93 -17.30
C ARG A 68 19.84 5.92 -16.98
N GLU A 69 19.55 7.23 -16.92
CA GLU A 69 20.53 8.27 -16.61
C GLU A 69 21.02 8.14 -15.17
N LEU A 70 20.11 7.84 -14.24
CA LEU A 70 20.45 7.69 -12.83
C LEU A 70 21.32 6.47 -12.57
N LYS A 71 20.99 5.32 -13.19
CA LYS A 71 21.78 4.10 -13.02
C LYS A 71 23.21 4.29 -13.55
N ALA A 72 23.37 4.99 -14.69
CA ALA A 72 24.69 5.23 -15.29
C ALA A 72 25.51 6.22 -14.43
N LYS A 73 24.84 7.24 -13.83
CA LYS A 73 25.46 8.20 -12.92
C LYS A 73 25.92 7.48 -11.66
N LEU A 74 25.03 6.64 -11.09
CA LEU A 74 25.31 5.85 -9.90
C LEU A 74 26.49 4.89 -10.12
N SER A 75 26.54 4.21 -11.27
CA SER A 75 27.63 3.29 -11.60
C SER A 75 28.99 4.03 -11.68
N GLY A 76 29.00 5.25 -12.22
CA GLY A 76 30.21 6.07 -12.31
C GLY A 76 30.77 6.45 -10.94
N VAL A 77 29.88 6.89 -10.03
CA VAL A 77 30.22 7.30 -8.65
C VAL A 77 30.68 6.08 -7.80
N GLU A 78 30.02 4.90 -7.96
CA GLU A 78 30.40 3.67 -7.24
C GLU A 78 31.80 3.22 -7.65
N GLU A 79 32.18 3.35 -8.97
CA GLU A 79 33.52 3.00 -9.48
C GLU A 79 34.56 3.99 -8.94
N GLU A 80 34.20 5.31 -8.92
CA GLU A 80 35.10 6.34 -8.40
C GLU A 80 35.36 6.09 -6.91
N LEU A 81 34.29 5.73 -6.14
CA LEU A 81 34.41 5.37 -4.73
C LEU A 81 35.39 4.19 -4.53
N GLN A 82 35.28 3.18 -5.40
CA GLN A 82 36.15 2.01 -5.41
C GLN A 82 37.64 2.36 -5.65
N ARG A 83 37.93 3.29 -6.58
CA ARG A 83 39.32 3.65 -6.85
C ARG A 83 39.88 4.61 -5.76
N THR A 84 39.02 5.26 -4.97
CA THR A 84 39.47 6.12 -3.87
C THR A 84 39.76 5.26 -2.62
N LYS A 85 38.93 4.22 -2.37
CA LYS A 85 39.13 3.27 -1.26
C LYS A 85 40.44 2.49 -1.44
N GLN A 86 40.79 2.11 -2.68
CA GLN A 86 42.01 1.41 -3.01
C GLN A 86 43.22 2.34 -2.89
N GLU A 87 43.01 3.65 -3.13
CA GLU A 87 44.03 4.69 -3.00
C GLU A 87 44.39 4.84 -1.52
N VAL A 88 43.39 4.76 -0.63
CA VAL A 88 43.54 4.82 0.83
C VAL A 88 44.41 3.64 1.30
N LEU A 89 44.08 2.41 0.83
CA LEU A 89 44.83 1.19 1.19
C LEU A 89 46.30 1.25 0.79
N SER A 90 46.53 1.78 -0.43
CA SER A 90 47.84 1.97 -1.00
C SER A 90 48.64 2.97 -0.18
N LEU A 91 47.99 4.10 0.23
CA LEU A 91 48.62 5.15 1.01
C LEU A 91 48.92 4.71 2.43
N ARG A 92 48.07 3.86 3.01
CA ARG A 92 48.27 3.37 4.39
C ARG A 92 49.52 2.48 4.44
N ARG A 93 49.68 1.62 3.40
CA ARG A 93 50.77 0.68 3.16
C ARG A 93 52.09 1.43 3.02
N GLU A 94 52.08 2.56 2.25
CA GLU A 94 53.23 3.44 2.01
C GLU A 94 53.65 4.15 3.27
N ASN A 95 52.66 4.65 4.04
CA ASN A 95 52.88 5.37 5.28
C ASN A 95 53.50 4.49 6.32
N SER A 96 53.07 3.21 6.43
CA SER A 96 53.60 2.25 7.39
C SER A 96 55.08 1.93 7.14
N THR A 97 55.46 1.73 5.86
CA THR A 97 56.83 1.44 5.44
C THR A 97 57.74 2.63 5.69
N LEU A 98 57.24 3.86 5.42
CA LEU A 98 58.02 5.08 5.64
C LEU A 98 58.21 5.32 7.15
N ASP A 99 57.14 5.10 7.95
CA ASP A 99 57.13 5.26 9.41
C ASP A 99 58.12 4.34 10.11
N VAL A 100 58.29 3.09 9.64
CA VAL A 100 59.23 2.14 10.24
C VAL A 100 60.70 2.56 9.99
N GLU A 101 60.97 3.24 8.84
CA GLU A 101 62.30 3.72 8.43
C GLU A 101 62.75 5.00 9.16
N CYS A 102 61.82 5.73 9.81
CA CYS A 102 62.12 6.95 10.58
C CYS A 102 62.18 6.60 12.05
N HIS A 103 61.29 5.70 12.49
CA HIS A 103 61.07 5.29 13.87
C HIS A 103 61.58 3.87 14.06
N PRO B 2 -70.43 -3.67 -57.57
CA PRO B 2 -69.98 -2.30 -57.30
C PRO B 2 -69.77 -2.01 -55.80
N SER B 3 -70.66 -2.55 -54.95
CA SER B 3 -70.60 -2.41 -53.48
C SER B 3 -69.57 -3.37 -52.90
N GLN B 4 -69.39 -4.55 -53.56
CA GLN B 4 -68.42 -5.58 -53.19
C GLN B 4 -66.99 -5.07 -53.41
N GLU B 5 -66.78 -4.26 -54.47
CA GLU B 5 -65.51 -3.62 -54.82
C GLU B 5 -65.18 -2.56 -53.76
N LEU B 6 -66.22 -1.89 -53.22
CA LEU B 6 -66.09 -0.87 -52.19
C LEU B 6 -65.73 -1.54 -50.86
N THR B 7 -66.39 -2.68 -50.55
CA THR B 7 -66.11 -3.45 -49.32
C THR B 7 -64.68 -4.03 -49.38
N ASN B 8 -64.19 -4.35 -50.61
CA ASN B 8 -62.84 -4.86 -50.86
C ASN B 8 -61.79 -3.78 -50.55
N GLU B 9 -62.07 -2.50 -50.89
CA GLU B 9 -61.16 -1.38 -50.60
C GLU B 9 -61.06 -1.09 -49.12
N LYS B 10 -62.19 -1.20 -48.39
CA LYS B 10 -62.19 -0.99 -46.94
C LYS B 10 -61.46 -2.13 -46.22
N GLU B 11 -61.57 -3.36 -46.73
CA GLU B 11 -60.88 -4.56 -46.22
C GLU B 11 -59.34 -4.41 -46.41
N LYS B 12 -58.93 -3.90 -47.60
CA LYS B 12 -57.56 -3.64 -48.01
C LYS B 12 -56.90 -2.58 -47.11
N ALA B 13 -57.62 -1.47 -46.82
CA ALA B 13 -57.17 -0.37 -45.97
C ALA B 13 -56.91 -0.88 -44.55
N LEU B 14 -57.80 -1.78 -44.04
CA LEU B 14 -57.63 -2.37 -42.71
C LEU B 14 -56.38 -3.23 -42.69
N GLN B 15 -56.15 -4.01 -43.76
CA GLN B 15 -54.98 -4.86 -43.90
C GLN B 15 -53.67 -4.05 -44.01
N ALA B 16 -53.71 -2.88 -44.68
CA ALA B 16 -52.56 -1.99 -44.86
C ALA B 16 -52.15 -1.42 -43.50
N GLN B 17 -53.13 -1.15 -42.63
CA GLN B 17 -52.87 -0.64 -41.30
C GLN B 17 -52.21 -1.67 -40.42
N VAL B 18 -52.67 -2.93 -40.52
CA VAL B 18 -52.11 -4.07 -39.79
C VAL B 18 -50.62 -4.23 -40.17
N GLN B 19 -50.31 -4.18 -41.48
CA GLN B 19 -48.98 -4.29 -42.05
C GLN B 19 -48.05 -3.19 -41.61
N TYR B 20 -48.52 -1.93 -41.62
CA TYR B 20 -47.78 -0.74 -41.25
C TYR B 20 -47.32 -0.85 -39.80
N GLN B 21 -48.26 -1.34 -38.95
CA GLN B 21 -48.07 -1.56 -37.52
C GLN B 21 -47.06 -2.67 -37.26
N GLN B 22 -47.13 -3.78 -38.01
CA GLN B 22 -46.14 -4.85 -37.86
C GLN B 22 -44.74 -4.35 -38.28
N GLN B 23 -44.66 -3.54 -39.35
CA GLN B 23 -43.43 -2.95 -39.87
C GLN B 23 -42.83 -1.93 -38.92
N HIS B 24 -43.69 -1.15 -38.20
CA HIS B 24 -43.26 -0.15 -37.25
CA HIS B 24 -43.26 -0.13 -37.25
C HIS B 24 -42.61 -0.83 -36.06
N GLU B 25 -43.23 -1.92 -35.58
CA GLU B 25 -42.73 -2.73 -34.48
C GLU B 25 -41.42 -3.42 -34.84
N GLN B 26 -41.35 -4.00 -36.05
CA GLN B 26 -40.14 -4.68 -36.54
C GLN B 26 -38.95 -3.73 -36.69
N GLN B 27 -39.16 -2.50 -37.21
CA GLN B 27 -38.08 -1.51 -37.29
C GLN B 27 -37.54 -1.14 -35.88
N LYS B 28 -38.42 -0.96 -34.90
CA LYS B 28 -38.03 -0.67 -33.52
C LYS B 28 -37.18 -1.83 -32.94
N LYS B 29 -37.64 -3.08 -33.08
CA LYS B 29 -36.92 -4.25 -32.56
C LYS B 29 -35.52 -4.38 -33.19
N ASP B 30 -35.41 -4.17 -34.54
CA ASP B 30 -34.15 -4.22 -35.26
C ASP B 30 -33.20 -3.16 -34.77
N LEU B 31 -33.69 -1.90 -34.60
CA LEU B 31 -32.88 -0.79 -34.13
C LEU B 31 -32.38 -1.01 -32.72
N GLU B 32 -33.23 -1.63 -31.88
CA GLU B 32 -32.88 -1.97 -30.49
C GLU B 32 -31.77 -2.99 -30.46
N ILE B 33 -31.81 -3.99 -31.33
CA ILE B 33 -30.74 -4.99 -31.37
C ILE B 33 -29.38 -4.32 -31.74
N LEU B 34 -29.40 -3.44 -32.76
CA LEU B 34 -28.24 -2.70 -33.26
C LEU B 34 -27.67 -1.79 -32.17
N HIS B 35 -28.55 -1.04 -31.49
CA HIS B 35 -28.18 -0.11 -30.46
C HIS B 35 -27.63 -0.79 -29.25
N GLN B 36 -28.16 -1.97 -28.88
CA GLN B 36 -27.72 -2.77 -27.72
C GLN B 36 -26.33 -3.32 -28.01
N GLN B 37 -26.13 -3.74 -29.23
CA GLN B 37 -24.85 -4.23 -29.69
C GLN B 37 -23.78 -3.15 -29.57
N ASN B 38 -24.10 -1.95 -30.01
CA ASN B 38 -23.19 -0.82 -29.96
C ASN B 38 -22.86 -0.38 -28.52
N ILE B 39 -23.87 -0.34 -27.63
CA ILE B 39 -23.72 -0.03 -26.23
C ILE B 39 -22.76 -1.06 -25.59
N HIS B 40 -22.96 -2.39 -25.85
CA HIS B 40 -22.08 -3.44 -25.32
CA HIS B 40 -22.09 -3.45 -25.32
C HIS B 40 -20.63 -3.24 -25.78
N GLN B 41 -20.41 -2.85 -27.06
CA GLN B 41 -19.07 -2.58 -27.61
C GLN B 41 -18.41 -1.39 -26.88
N LEU B 42 -19.15 -0.30 -26.67
CA LEU B 42 -18.68 0.90 -25.98
C LEU B 42 -18.35 0.54 -24.54
N GLN B 43 -19.21 -0.23 -23.84
CA GLN B 43 -18.98 -0.64 -22.47
C GLN B 43 -17.73 -1.49 -22.32
N ASN B 44 -17.47 -2.35 -23.33
CA ASN B 44 -16.31 -3.24 -23.37
C ASN B 44 -15.02 -2.46 -23.59
N ARG B 45 -15.05 -1.44 -24.44
CA ARG B 45 -13.92 -0.57 -24.74
C ARG B 45 -13.61 0.28 -23.50
N SER B 47 -14.21 -0.66 -20.30
CA SER B 47 -13.58 -1.54 -19.33
C SER B 47 -12.11 -1.84 -19.68
N GLU B 48 -11.75 -1.88 -20.98
CA GLU B 48 -10.37 -2.11 -21.35
C GLU B 48 -9.52 -0.85 -21.16
N LEU B 49 -10.11 0.36 -21.33
CA LEU B 49 -9.41 1.60 -21.04
C LEU B 49 -9.21 1.76 -19.53
N GLU B 50 -10.14 1.24 -18.71
CA GLU B 50 -10.02 1.30 -17.25
C GLU B 50 -8.93 0.36 -16.74
N ALA B 51 -8.81 -0.83 -17.35
CA ALA B 51 -7.76 -1.80 -17.03
C ALA B 51 -6.39 -1.29 -17.47
N ALA B 52 -6.30 -0.65 -18.66
CA ALA B 52 -5.07 -0.06 -19.15
C ALA B 52 -4.65 1.09 -18.21
N ASN B 53 -5.59 1.85 -17.68
CA ASN B 53 -5.30 2.95 -16.78
C ASN B 53 -4.80 2.45 -15.44
N LYS B 54 -5.35 1.34 -14.93
CA LYS B 54 -4.93 0.73 -13.68
C LYS B 54 -3.47 0.25 -13.84
N ASP B 55 -3.17 -0.38 -14.99
CA ASP B 55 -1.84 -0.89 -15.30
C ASP B 55 -0.82 0.27 -15.41
N LEU B 56 -1.23 1.39 -16.03
CA LEU B 56 -0.37 2.55 -16.19
C LEU B 56 -0.06 3.24 -14.90
N THR B 57 -1.05 3.33 -14.00
CA THR B 57 -0.93 3.98 -12.71
C THR B 57 0.02 3.19 -11.81
N GLU B 58 -0.02 1.84 -11.92
CA GLU B 58 0.88 0.94 -11.21
C GLU B 58 2.31 1.05 -11.70
N ARG B 59 2.51 1.24 -13.02
CA ARG B 59 3.83 1.40 -13.62
C ARG B 59 4.41 2.76 -13.27
N LYS B 60 3.55 3.79 -13.20
CA LYS B 60 3.94 5.14 -12.82
C LYS B 60 4.43 5.14 -11.36
N TYR B 61 3.76 4.37 -10.45
CA TYR B 61 4.20 4.27 -9.07
C TYR B 61 5.59 3.59 -8.96
N LYS B 62 5.77 2.48 -9.70
CA LYS B 62 7.00 1.69 -9.74
C LYS B 62 8.16 2.46 -10.29
N GLY B 63 7.96 3.16 -11.41
CA GLY B 63 8.97 4.02 -12.02
C GLY B 63 9.38 5.15 -11.09
N ASP B 64 8.41 5.90 -10.52
CA ASP B 64 8.65 7.05 -9.66
C ASP B 64 9.34 6.69 -8.38
N SER B 65 8.96 5.54 -7.77
CA SER B 65 9.55 5.04 -6.54
C SER B 65 10.97 4.59 -6.81
N THR B 66 11.25 3.95 -7.98
CA THR B 66 12.59 3.55 -8.41
C THR B 66 13.45 4.80 -8.55
N ILE B 67 12.92 5.87 -9.20
CA ILE B 67 13.63 7.14 -9.35
C ILE B 67 14.02 7.72 -7.96
N ARG B 68 13.07 7.72 -7.03
CA ARG B 68 13.24 8.22 -5.67
C ARG B 68 14.32 7.46 -4.94
N GLU B 69 14.33 6.11 -5.05
CA GLU B 69 15.33 5.23 -4.43
C GLU B 69 16.69 5.50 -5.03
N LEU B 70 16.78 5.65 -6.37
CA LEU B 70 18.05 5.91 -7.05
C LEU B 70 18.69 7.22 -6.64
N LYS B 71 17.90 8.31 -6.59
CA LYS B 71 18.37 9.63 -6.18
C LYS B 71 18.93 9.62 -4.73
N ALA B 72 18.23 8.92 -3.82
CA ALA B 72 18.64 8.80 -2.42
C ALA B 72 19.88 7.93 -2.29
N LYS B 73 19.99 6.86 -3.09
CA LYS B 73 21.15 5.96 -3.13
C LYS B 73 22.35 6.75 -3.68
N LEU B 74 22.16 7.52 -4.75
CA LEU B 74 23.19 8.36 -5.35
C LEU B 74 23.72 9.39 -4.33
N SER B 75 22.84 10.07 -3.59
CA SER B 75 23.24 11.03 -2.56
C SER B 75 24.08 10.38 -1.44
N GLY B 76 23.74 9.15 -1.05
CA GLY B 76 24.46 8.40 -0.03
C GLY B 76 25.88 8.06 -0.46
N VAL B 77 26.05 7.58 -1.72
CA VAL B 77 27.33 7.23 -2.33
C VAL B 77 28.21 8.50 -2.55
N GLU B 78 27.62 9.64 -2.98
CA GLU B 78 28.34 10.90 -3.19
C GLU B 78 28.90 11.41 -1.86
N GLU B 79 28.14 11.23 -0.77
CA GLU B 79 28.51 11.61 0.59
C GLU B 79 29.66 10.73 1.11
N GLU B 80 29.55 9.40 0.88
CA GLU B 80 30.58 8.43 1.26
C GLU B 80 31.86 8.73 0.45
N LEU B 81 31.73 9.04 -0.86
CA LEU B 81 32.87 9.41 -1.70
C LEU B 81 33.60 10.63 -1.15
N GLN B 82 32.87 11.71 -0.75
CA GLN B 82 33.47 12.93 -0.19
C GLN B 82 34.29 12.65 1.07
N ARG B 83 33.77 11.79 1.98
CA ARG B 83 34.45 11.36 3.20
C ARG B 83 35.77 10.62 2.90
N THR B 84 35.71 9.69 1.94
CA THR B 84 36.87 8.89 1.52
C THR B 84 37.93 9.78 0.83
N LYS B 85 37.49 10.80 0.06
CA LYS B 85 38.39 11.73 -0.62
C LYS B 85 39.15 12.53 0.39
N GLN B 86 38.51 12.93 1.53
CA GLN B 86 39.15 13.69 2.60
C GLN B 86 40.19 12.82 3.33
N GLU B 87 39.92 11.49 3.41
CA GLU B 87 40.79 10.50 4.04
C GLU B 87 42.06 10.36 3.19
N VAL B 88 41.92 10.39 1.85
CA VAL B 88 43.03 10.33 0.87
C VAL B 88 43.90 11.57 1.04
N LEU B 89 43.28 12.77 1.13
CA LEU B 89 44.00 14.05 1.29
C LEU B 89 44.82 14.06 2.55
N SER B 90 44.25 13.56 3.65
CA SER B 90 44.88 13.46 4.96
C SER B 90 46.08 12.49 4.89
N LEU B 91 45.90 11.33 4.23
CA LEU B 91 46.94 10.32 4.06
C LEU B 91 48.05 10.78 3.12
N ARG B 92 47.74 11.61 2.10
CA ARG B 92 48.74 12.16 1.17
C ARG B 92 49.61 13.16 1.91
N ARG B 93 49.01 13.94 2.84
CA ARG B 93 49.71 14.92 3.67
C ARG B 93 50.69 14.21 4.58
N GLU B 94 50.24 13.10 5.22
CA GLU B 94 51.06 12.24 6.10
C GLU B 94 52.21 11.65 5.30
N ASN B 95 51.93 11.19 4.06
CA ASN B 95 52.86 10.62 3.10
C ASN B 95 53.92 11.63 2.66
N SER B 96 53.55 12.92 2.49
CA SER B 96 54.48 13.99 2.11
C SER B 96 55.45 14.34 3.23
N THR B 97 54.95 14.41 4.48
CA THR B 97 55.74 14.72 5.67
C THR B 97 56.73 13.59 5.98
N LEU B 98 56.30 12.32 5.81
CA LEU B 98 57.17 11.16 6.02
C LEU B 98 58.23 11.08 4.92
N ASP B 99 57.83 11.34 3.65
CA ASP B 99 58.71 11.34 2.47
C ASP B 99 59.84 12.36 2.57
N VAL B 100 59.59 13.56 3.16
CA VAL B 100 60.62 14.60 3.32
C VAL B 100 61.64 14.20 4.40
N GLU B 101 61.19 13.54 5.48
CA GLU B 101 62.08 13.05 6.56
C GLU B 101 62.97 11.91 6.04
N CYS B 102 62.41 11.08 5.13
CA CYS B 102 63.07 9.94 4.49
C CYS B 102 63.96 10.35 3.33
N HIS B 103 63.39 10.48 2.12
CA HIS B 103 64.10 10.84 0.89
C HIS B 103 64.19 12.35 0.75
N GLU C 9 43.29 10.26 22.03
CA GLU C 9 42.62 9.11 21.43
C GLU C 9 41.30 8.80 22.09
N LYS C 10 41.20 8.99 23.43
CA LYS C 10 39.97 8.77 24.20
C LYS C 10 38.90 9.80 23.80
N GLU C 11 39.32 11.06 23.57
CA GLU C 11 38.50 12.20 23.13
C GLU C 11 37.95 11.94 21.72
N LYS C 12 38.82 11.41 20.82
CA LYS C 12 38.55 11.04 19.43
C LYS C 12 37.50 9.92 19.35
N ALA C 13 37.63 8.87 20.20
CA ALA C 13 36.71 7.74 20.27
C ALA C 13 35.32 8.20 20.68
N LEU C 14 35.23 9.15 21.64
CA LEU C 14 33.95 9.72 22.06
C LEU C 14 33.32 10.50 20.91
N GLN C 15 34.14 11.25 20.16
CA GLN C 15 33.70 12.04 19.01
C GLN C 15 33.24 11.16 17.82
N ALA C 16 33.95 10.05 17.53
CA ALA C 16 33.57 9.13 16.45
C ALA C 16 32.24 8.44 16.78
N GLN C 17 31.98 8.17 18.09
CA GLN C 17 30.72 7.59 18.58
C GLN C 17 29.58 8.54 18.26
N VAL C 18 29.73 9.85 18.60
CA VAL C 18 28.76 10.92 18.34
C VAL C 18 28.44 10.98 16.83
N GLN C 19 29.48 10.91 15.97
CA GLN C 19 29.39 10.92 14.52
C GLN C 19 28.60 9.75 13.95
N TYR C 20 28.85 8.51 14.43
CA TYR C 20 28.10 7.42 13.82
C TYR C 20 26.65 7.37 14.37
N GLN C 21 26.38 8.02 15.54
CA GLN C 21 25.03 8.16 16.12
C GLN C 21 24.23 9.22 15.32
N GLN C 22 24.94 10.20 14.72
CA GLN C 22 24.37 11.22 13.84
C GLN C 22 24.09 10.60 12.46
N GLN C 23 25.01 9.74 11.96
CA GLN C 23 24.89 9.06 10.67
C GLN C 23 23.75 8.01 10.66
N HIS C 24 23.53 7.32 11.81
CA HIS C 24 22.43 6.36 11.98
C HIS C 24 21.12 7.16 11.87
N GLU C 25 20.99 8.29 12.63
CA GLU C 25 19.82 9.17 12.63
C GLU C 25 19.54 9.77 11.26
N GLN C 26 20.57 10.19 10.51
CA GLN C 26 20.44 10.73 9.15
C GLN C 26 19.90 9.65 8.21
N GLN C 27 20.42 8.40 8.28
CA GLN C 27 19.89 7.31 7.44
C GLN C 27 18.40 7.06 7.73
N LYS C 28 18.00 7.08 9.02
CA LYS C 28 16.61 6.90 9.44
C LYS C 28 15.71 8.00 8.84
N LYS C 29 16.13 9.28 8.95
CA LYS C 29 15.38 10.42 8.40
C LYS C 29 15.25 10.34 6.88
N ASP C 30 16.32 9.95 6.16
CA ASP C 30 16.30 9.78 4.71
C ASP C 30 15.35 8.68 4.29
N LEU C 31 15.37 7.52 5.01
CA LEU C 31 14.48 6.39 4.74
C LEU C 31 13.02 6.72 5.03
N GLU C 32 12.76 7.46 6.11
CA GLU C 32 11.43 7.90 6.54
C GLU C 32 10.86 8.87 5.51
N ILE C 33 11.68 9.79 4.92
CA ILE C 33 11.23 10.69 3.84
C ILE C 33 10.84 9.86 2.62
N LEU C 34 11.70 8.91 2.26
CA LEU C 34 11.49 8.00 1.13
C LEU C 34 10.21 7.18 1.31
N HIS C 35 9.85 6.77 2.56
CA HIS C 35 8.59 6.05 2.79
C HIS C 35 7.34 6.94 2.68
N GLN C 36 7.39 8.17 3.25
CA GLN C 36 6.26 9.08 3.15
C GLN C 36 6.03 9.57 1.70
N GLN C 37 7.06 9.54 0.85
CA GLN C 37 6.90 9.91 -0.54
C GLN C 37 6.20 8.79 -1.30
N ASN C 38 6.50 7.51 -0.93
CA ASN C 38 5.87 6.34 -1.51
C ASN C 38 4.39 6.21 -1.10
N ILE C 39 4.11 6.38 0.22
CA ILE C 39 2.80 6.32 0.84
C ILE C 39 1.95 7.47 0.32
N HIS C 40 2.54 8.67 0.17
CA HIS C 40 1.80 9.80 -0.38
C HIS C 40 1.26 9.51 -1.80
N GLN C 41 2.11 8.97 -2.68
CA GLN C 41 1.74 8.63 -4.04
C GLN C 41 0.57 7.60 -4.06
N LEU C 42 0.68 6.54 -3.24
CA LEU C 42 -0.30 5.47 -3.12
C LEU C 42 -1.61 5.99 -2.55
N GLN C 43 -1.53 6.89 -1.55
CA GLN C 43 -2.70 7.48 -0.93
C GLN C 43 -3.46 8.35 -1.93
N ASN C 44 -2.75 9.06 -2.82
CA ASN C 44 -3.40 9.86 -3.83
C ASN C 44 -4.16 9.00 -4.86
N ARG C 45 -3.66 7.78 -5.17
CA ARG C 45 -4.37 6.87 -6.08
C ARG C 45 -5.61 6.31 -5.34
N SER C 47 -7.29 7.77 -2.87
CA SER C 47 -8.29 8.82 -2.85
C SER C 47 -9.06 8.93 -4.18
N GLU C 48 -8.41 8.71 -5.35
CA GLU C 48 -9.09 8.75 -6.65
C GLU C 48 -10.09 7.57 -6.73
N LEU C 49 -9.66 6.36 -6.26
CA LEU C 49 -10.48 5.15 -6.27
C LEU C 49 -11.69 5.28 -5.34
N GLU C 50 -11.53 5.98 -4.20
CA GLU C 50 -12.60 6.24 -3.23
C GLU C 50 -13.60 7.20 -3.83
N ALA C 51 -13.12 8.23 -4.56
CA ALA C 51 -14.00 9.20 -5.22
C ALA C 51 -14.76 8.55 -6.38
N ALA C 52 -14.10 7.66 -7.14
CA ALA C 52 -14.73 6.94 -8.25
C ALA C 52 -15.82 6.03 -7.67
N ASN C 53 -15.58 5.42 -6.50
CA ASN C 53 -16.56 4.55 -5.85
C ASN C 53 -17.76 5.34 -5.37
N LYS C 54 -17.54 6.54 -4.83
CA LYS C 54 -18.60 7.40 -4.32
C LYS C 54 -19.50 7.82 -5.49
N ASP C 55 -18.87 8.15 -6.64
CA ASP C 55 -19.57 8.55 -7.85
C ASP C 55 -20.38 7.38 -8.43
N LEU C 56 -19.81 6.16 -8.43
CA LEU C 56 -20.51 5.00 -8.95
C LEU C 56 -21.70 4.61 -8.09
N THR C 57 -21.58 4.71 -6.76
CA THR C 57 -22.64 4.37 -5.83
C THR C 57 -23.83 5.31 -6.02
N GLU C 58 -23.58 6.65 -6.13
CA GLU C 58 -24.65 7.63 -6.36
C GLU C 58 -25.38 7.32 -7.67
N ARG C 59 -24.64 7.16 -8.79
CA ARG C 59 -25.19 6.84 -10.11
C ARG C 59 -26.01 5.53 -10.10
N LYS C 60 -25.58 4.52 -9.33
CA LYS C 60 -26.30 3.26 -9.16
C LYS C 60 -27.67 3.49 -8.48
N TYR C 61 -27.68 4.21 -7.34
CA TYR C 61 -28.89 4.56 -6.58
C TYR C 61 -29.81 5.45 -7.41
N LYS C 62 -29.23 6.37 -8.22
CA LYS C 62 -30.02 7.23 -9.10
C LYS C 62 -30.74 6.34 -10.15
N GLY C 63 -30.04 5.33 -10.70
CA GLY C 63 -30.64 4.38 -11.63
C GLY C 63 -31.72 3.54 -10.97
N ASP C 64 -31.52 3.16 -9.69
CA ASP C 64 -32.57 2.39 -8.99
C ASP C 64 -33.87 3.17 -8.82
N SER C 65 -33.75 4.49 -8.55
CA SER C 65 -34.92 5.36 -8.37
C SER C 65 -35.59 5.65 -9.72
N THR C 66 -34.80 5.75 -10.82
CA THR C 66 -35.33 5.90 -12.19
C THR C 66 -36.15 4.64 -12.53
N ILE C 67 -35.64 3.45 -12.22
CA ILE C 67 -36.35 2.17 -12.43
C ILE C 67 -37.70 2.17 -11.72
N ARG C 68 -37.70 2.59 -10.44
CA ARG C 68 -38.87 2.68 -9.57
C ARG C 68 -39.94 3.61 -10.19
N GLU C 69 -39.50 4.77 -10.71
CA GLU C 69 -40.39 5.77 -11.32
C GLU C 69 -41.00 5.21 -12.60
N LEU C 70 -40.18 4.55 -13.42
CA LEU C 70 -40.60 3.97 -14.70
C LEU C 70 -41.60 2.85 -14.53
N LYS C 71 -41.36 1.93 -13.58
CA LYS C 71 -42.27 0.83 -13.29
C LYS C 71 -43.67 1.34 -12.90
N ALA C 72 -43.73 2.39 -12.03
CA ALA C 72 -44.98 2.98 -11.55
C ALA C 72 -45.70 3.70 -12.68
N LYS C 73 -44.95 4.41 -13.53
CA LYS C 73 -45.50 5.13 -14.68
C LYS C 73 -46.08 4.12 -15.68
N LEU C 74 -45.31 3.05 -15.97
CA LEU C 74 -45.73 1.97 -16.88
C LEU C 74 -47.02 1.29 -16.37
N SER C 75 -47.10 1.00 -15.09
CA SER C 75 -48.29 0.36 -14.53
C SER C 75 -49.56 1.26 -14.68
N GLY C 76 -49.41 2.58 -14.51
CA GLY C 76 -50.51 3.52 -14.71
C GLY C 76 -51.04 3.56 -16.14
N VAL C 77 -50.12 3.59 -17.13
CA VAL C 77 -50.46 3.59 -18.55
C VAL C 77 -51.05 2.21 -19.02
N GLU C 78 -50.54 1.07 -18.52
CA GLU C 78 -51.06 -0.26 -18.85
C GLU C 78 -52.50 -0.40 -18.37
N GLU C 79 -52.78 0.16 -17.19
CA GLU C 79 -54.09 0.14 -16.56
C GLU C 79 -55.07 1.01 -17.35
N GLU C 80 -54.62 2.20 -17.77
CA GLU C 80 -55.43 3.11 -18.58
C GLU C 80 -55.72 2.46 -19.94
N LEU C 81 -54.72 1.81 -20.55
CA LEU C 81 -54.88 1.10 -21.82
C LEU C 81 -55.97 0.01 -21.70
N GLN C 82 -55.94 -0.81 -20.63
CA GLN C 82 -56.94 -1.87 -20.46
C GLN C 82 -58.36 -1.33 -20.38
N ARG C 83 -58.54 -0.19 -19.67
CA ARG C 83 -59.82 0.50 -19.54
C ARG C 83 -60.34 0.96 -20.88
N THR C 84 -59.45 1.57 -21.73
CA THR C 84 -59.85 2.12 -23.02
C THR C 84 -60.19 1.00 -23.99
N LYS C 85 -59.51 -0.17 -23.89
CA LYS C 85 -59.78 -1.34 -24.72
C LYS C 85 -61.18 -1.92 -24.41
N GLN C 86 -61.59 -1.93 -23.13
CA GLN C 86 -62.90 -2.40 -22.70
C GLN C 86 -63.99 -1.42 -23.17
N GLU C 87 -63.66 -0.11 -23.27
CA GLU C 87 -64.55 0.94 -23.75
C GLU C 87 -64.81 0.73 -25.25
N VAL C 88 -63.79 0.29 -26.01
CA VAL C 88 -63.87 -0.05 -27.44
C VAL C 88 -64.83 -1.24 -27.61
N LEU C 89 -64.67 -2.31 -26.80
CA LEU C 89 -65.51 -3.49 -26.87
C LEU C 89 -66.98 -3.17 -26.60
N SER C 90 -67.24 -2.30 -25.61
CA SER C 90 -68.55 -1.81 -25.23
C SER C 90 -69.16 -1.00 -26.37
N LEU C 91 -68.37 -0.10 -27.01
CA LEU C 91 -68.82 0.71 -28.15
C LEU C 91 -69.08 -0.12 -29.41
N ARG C 92 -68.31 -1.21 -29.62
CA ARG C 92 -68.50 -2.10 -30.76
C ARG C 92 -69.82 -2.87 -30.58
N ARG C 93 -70.16 -3.24 -29.34
CA ARG C 93 -71.38 -3.94 -28.99
C ARG C 93 -72.57 -3.03 -29.25
N GLU C 94 -72.47 -1.74 -28.86
CA GLU C 94 -73.48 -0.71 -29.08
C GLU C 94 -73.73 -0.49 -30.57
N ASN C 95 -72.66 -0.46 -31.38
CA ASN C 95 -72.73 -0.28 -32.82
C ASN C 95 -73.43 -1.48 -33.48
N SER C 96 -73.12 -2.71 -33.03
CA SER C 96 -73.74 -3.94 -33.56
C SER C 96 -75.26 -3.99 -33.27
N THR C 97 -75.67 -3.61 -32.03
CA THR C 97 -77.07 -3.59 -31.63
C THR C 97 -77.86 -2.54 -32.40
N LEU C 98 -77.25 -1.37 -32.64
CA LEU C 98 -77.91 -0.30 -33.40
C LEU C 98 -78.04 -0.71 -34.88
N ASP C 99 -76.99 -1.34 -35.46
CA ASP C 99 -76.94 -1.82 -36.84
C ASP C 99 -78.03 -2.88 -37.13
N VAL C 100 -78.32 -3.78 -36.17
CA VAL C 100 -79.34 -4.83 -36.35
C VAL C 100 -80.75 -4.23 -36.30
N GLU C 101 -80.95 -3.17 -35.47
CA GLU C 101 -82.22 -2.47 -35.33
C GLU C 101 -82.67 -1.88 -36.68
N CYS C 102 -81.88 -0.95 -37.24
CA CYS C 102 -82.15 -0.36 -38.56
C CYS C 102 -80.88 -0.26 -39.40
N HIS C 103 -80.68 -1.28 -40.26
CA HIS C 103 -79.55 -1.52 -41.18
C HIS C 103 -79.07 -0.28 -41.95
N GLN D 17 34.17 1.39 14.87
CA GLN D 17 33.63 1.55 13.51
C GLN D 17 33.16 0.21 12.94
N VAL D 18 33.68 -0.90 13.50
CA VAL D 18 33.35 -2.27 13.09
C VAL D 18 31.86 -2.52 13.37
N GLN D 19 31.41 -2.08 14.57
CA GLN D 19 30.04 -2.14 15.08
C GLN D 19 29.11 -1.31 14.22
N TYR D 20 29.53 -0.06 13.85
CA TYR D 20 28.79 0.86 12.99
C TYR D 20 28.29 0.18 11.73
N GLN D 21 29.18 -0.54 11.01
CA GLN D 21 28.89 -1.29 9.79
C GLN D 21 27.73 -2.28 9.99
N GLN D 22 27.70 -2.99 11.15
CA GLN D 22 26.61 -3.93 11.48
C GLN D 22 25.33 -3.18 11.80
N GLN D 23 25.40 -2.20 12.72
CA GLN D 23 24.27 -1.40 13.19
C GLN D 23 23.58 -0.60 12.08
N HIS D 24 24.38 0.04 11.19
CA HIS D 24 23.89 0.83 10.07
C HIS D 24 23.09 -0.05 9.09
N GLU D 25 23.56 -1.30 8.87
CA GLU D 25 22.85 -2.22 7.98
C GLU D 25 21.63 -2.83 8.67
N GLN D 26 21.76 -3.22 9.97
CA GLN D 26 20.64 -3.79 10.73
C GLN D 26 19.44 -2.83 10.86
N GLN D 27 19.73 -1.51 11.04
CA GLN D 27 18.75 -0.43 11.15
C GLN D 27 18.00 -0.28 9.81
N LYS D 28 18.75 -0.24 8.68
CA LYS D 28 18.24 -0.16 7.31
C LYS D 28 17.34 -1.38 7.00
N LYS D 29 17.83 -2.61 7.30
CA LYS D 29 17.14 -3.90 7.13
C LYS D 29 15.78 -3.95 7.88
N ASP D 30 15.75 -3.50 9.16
CA ASP D 30 14.53 -3.47 9.97
C ASP D 30 13.52 -2.47 9.40
N LEU D 31 13.96 -1.22 9.15
CA LEU D 31 13.15 -0.15 8.58
C LEU D 31 12.48 -0.55 7.26
N GLU D 32 13.25 -1.21 6.34
CA GLU D 32 12.73 -1.62 5.05
C GLU D 32 11.68 -2.72 5.15
N ILE D 33 11.78 -3.60 6.18
CA ILE D 33 10.78 -4.65 6.39
C ILE D 33 9.42 -4.03 6.81
N LEU D 34 9.47 -3.04 7.72
CA LEU D 34 8.26 -2.34 8.17
C LEU D 34 7.70 -1.44 7.08
N HIS D 35 8.57 -0.77 6.30
CA HIS D 35 8.16 0.12 5.22
C HIS D 35 7.40 -0.63 4.12
N GLN D 36 7.97 -1.77 3.65
CA GLN D 36 7.38 -2.62 2.62
C GLN D 36 6.04 -3.23 3.07
N GLN D 37 5.93 -3.62 4.38
CA GLN D 37 4.68 -4.15 4.96
C GLN D 37 3.55 -3.13 4.85
N ASN D 38 3.80 -1.84 5.23
CA ASN D 38 2.80 -0.76 5.11
C ASN D 38 2.35 -0.52 3.65
N ILE D 39 3.29 -0.63 2.70
CA ILE D 39 3.05 -0.45 1.26
C ILE D 39 2.17 -1.59 0.73
N HIS D 40 2.49 -2.86 1.07
CA HIS D 40 1.69 -4.00 0.66
C HIS D 40 0.25 -3.89 1.16
N GLN D 41 0.06 -3.46 2.46
CA GLN D 41 -1.28 -3.25 3.03
C GLN D 41 -2.07 -2.24 2.20
N LEU D 42 -1.42 -1.10 1.83
CA LEU D 42 -2.06 -0.06 1.01
C LEU D 42 -2.41 -0.61 -0.37
N GLN D 43 -1.50 -1.36 -0.98
CA GLN D 43 -1.67 -1.99 -2.29
C GLN D 43 -2.81 -3.00 -2.30
N ASN D 44 -2.99 -3.72 -1.17
CA ASN D 44 -4.06 -4.68 -1.02
C ASN D 44 -5.43 -4.02 -0.92
N ARG D 45 -5.58 -2.91 -0.14
CA ARG D 45 -6.82 -2.13 0.00
C ARG D 45 -7.19 -1.55 -1.37
N SER D 47 -6.34 -2.70 -4.49
CA SER D 47 -6.83 -3.77 -5.38
C SER D 47 -8.27 -4.20 -5.02
N GLU D 48 -8.60 -4.15 -3.72
CA GLU D 48 -9.94 -4.46 -3.20
C GLU D 48 -10.96 -3.41 -3.69
N LEU D 49 -10.58 -2.12 -3.64
CA LEU D 49 -11.39 -0.99 -4.08
C LEU D 49 -11.56 -0.96 -5.60
N GLU D 50 -10.56 -1.47 -6.36
CA GLU D 50 -10.63 -1.55 -7.82
C GLU D 50 -11.60 -2.62 -8.23
N ALA D 51 -11.62 -3.75 -7.48
CA ALA D 51 -12.54 -4.85 -7.76
C ALA D 51 -13.99 -4.46 -7.41
N ALA D 52 -14.20 -3.69 -6.31
CA ALA D 52 -15.51 -3.20 -5.90
C ALA D 52 -16.03 -2.22 -6.97
N ASN D 53 -15.14 -1.40 -7.54
CA ASN D 53 -15.50 -0.45 -8.60
C ASN D 53 -15.87 -1.17 -9.89
N LYS D 54 -15.15 -2.26 -10.24
CA LYS D 54 -15.44 -3.06 -11.43
C LYS D 54 -16.84 -3.68 -11.29
N ASP D 55 -17.15 -4.20 -10.09
CA ASP D 55 -18.45 -4.79 -9.77
C ASP D 55 -19.58 -3.77 -9.82
N LEU D 56 -19.34 -2.53 -9.28
CA LEU D 56 -20.32 -1.47 -9.34
C LEU D 56 -20.62 -1.03 -10.78
N THR D 57 -19.57 -0.94 -11.62
CA THR D 57 -19.68 -0.57 -13.03
C THR D 57 -20.59 -1.57 -13.75
N GLU D 58 -20.32 -2.88 -13.58
CA GLU D 58 -21.15 -3.91 -14.19
C GLU D 58 -22.60 -3.77 -13.77
N ARG D 59 -22.86 -3.51 -12.46
CA ARG D 59 -24.23 -3.41 -11.94
C ARG D 59 -24.92 -2.16 -12.45
N LYS D 60 -24.17 -1.07 -12.62
CA LYS D 60 -24.70 0.19 -13.13
C LYS D 60 -25.08 -0.01 -14.59
N TYR D 61 -24.23 -0.70 -15.40
CA TYR D 61 -24.55 -1.01 -16.78
C TYR D 61 -25.82 -1.87 -16.88
N LYS D 62 -26.02 -2.86 -15.96
CA LYS D 62 -27.22 -3.71 -15.93
C LYS D 62 -28.44 -2.84 -15.66
N GLY D 63 -28.31 -1.87 -14.74
CA GLY D 63 -29.35 -0.91 -14.42
C GLY D 63 -29.69 -0.03 -15.62
N ASP D 64 -28.69 0.39 -16.40
CA ASP D 64 -28.95 1.19 -17.59
C ASP D 64 -29.75 0.43 -18.64
N SER D 65 -29.50 -0.89 -18.81
CA SER D 65 -30.23 -1.70 -19.79
C SER D 65 -31.66 -1.95 -19.31
N THR D 66 -31.90 -2.10 -18.00
CA THR D 66 -33.23 -2.21 -17.42
C THR D 66 -34.03 -0.92 -17.70
N ILE D 67 -33.41 0.24 -17.53
CA ILE D 67 -34.02 1.55 -17.82
C ILE D 67 -34.41 1.63 -19.29
N ARG D 68 -33.50 1.19 -20.19
CA ARG D 68 -33.71 1.17 -21.63
C ARG D 68 -34.91 0.29 -22.00
N GLU D 69 -35.04 -0.89 -21.37
CA GLU D 69 -36.14 -1.83 -21.65
C GLU D 69 -37.45 -1.24 -21.14
N LEU D 70 -37.45 -0.60 -19.96
CA LEU D 70 -38.65 0.03 -19.40
C LEU D 70 -39.14 1.22 -20.22
N LYS D 71 -38.23 2.09 -20.68
CA LYS D 71 -38.59 3.22 -21.53
C LYS D 71 -39.18 2.77 -22.86
N ALA D 72 -38.61 1.71 -23.50
CA ALA D 72 -39.10 1.15 -24.76
C ALA D 72 -40.48 0.49 -24.56
N LYS D 73 -40.70 -0.22 -23.44
CA LYS D 73 -41.97 -0.83 -23.09
C LYS D 73 -43.03 0.29 -22.86
N LEU D 74 -42.66 1.33 -22.10
CA LEU D 74 -43.51 2.48 -21.84
C LEU D 74 -43.91 3.21 -23.13
N SER D 75 -42.98 3.42 -24.04
CA SER D 75 -43.27 4.08 -25.30
C SER D 75 -44.24 3.28 -26.19
N GLY D 76 -44.13 1.95 -26.16
CA GLY D 76 -44.99 1.05 -26.91
C GLY D 76 -46.43 1.13 -26.41
N VAL D 77 -46.63 1.08 -25.07
CA VAL D 77 -47.93 1.18 -24.41
C VAL D 77 -48.57 2.58 -24.59
N GLU D 78 -47.79 3.67 -24.49
CA GLU D 78 -48.33 5.03 -24.67
C GLU D 78 -48.82 5.21 -26.10
N GLU D 79 -48.09 4.62 -27.08
CA GLU D 79 -48.43 4.65 -28.51
C GLU D 79 -49.71 3.84 -28.79
N GLU D 80 -49.83 2.64 -28.18
CA GLU D 80 -51.00 1.79 -28.30
C GLU D 80 -52.20 2.48 -27.68
N LEU D 81 -52.01 3.15 -26.51
CA LEU D 81 -53.06 3.92 -25.86
C LEU D 81 -53.60 5.03 -26.77
N GLN D 82 -52.73 5.80 -27.42
CA GLN D 82 -53.17 6.89 -28.32
C GLN D 82 -54.04 6.35 -29.47
N ARG D 83 -53.64 5.19 -30.05
CA ARG D 83 -54.38 4.49 -31.12
C ARG D 83 -55.78 4.06 -30.64
N THR D 84 -55.86 3.49 -29.43
CA THR D 84 -57.12 3.01 -28.87
C THR D 84 -58.06 4.16 -28.53
N LYS D 85 -57.50 5.30 -28.07
CA LYS D 85 -58.30 6.50 -27.75
C LYS D 85 -58.94 7.07 -29.03
N GLN D 86 -58.21 7.03 -30.17
CA GLN D 86 -58.72 7.49 -31.46
C GLN D 86 -59.78 6.53 -31.98
N GLU D 87 -59.67 5.23 -31.64
CA GLU D 87 -60.64 4.19 -32.02
C GLU D 87 -61.95 4.42 -31.26
N VAL D 88 -61.88 4.86 -30.00
CA VAL D 88 -63.03 5.23 -29.16
C VAL D 88 -63.76 6.44 -29.81
N LEU D 89 -63.02 7.47 -30.21
CA LEU D 89 -63.58 8.67 -30.85
C LEU D 89 -64.30 8.33 -32.15
N SER D 90 -63.69 7.44 -32.95
CA SER D 90 -64.21 6.93 -34.22
C SER D 90 -65.49 6.13 -33.99
N LEU D 91 -65.52 5.27 -32.93
CA LEU D 91 -66.68 4.47 -32.59
C LEU D 91 -67.84 5.31 -32.06
N ARG D 92 -67.53 6.40 -31.35
CA ARG D 92 -68.54 7.30 -30.81
C ARG D 92 -69.25 8.06 -31.96
N ARG D 93 -68.49 8.51 -32.98
CA ARG D 93 -69.09 9.20 -34.12
C ARG D 93 -69.88 8.21 -35.01
N GLU D 94 -69.45 6.92 -35.11
CA GLU D 94 -70.19 5.87 -35.82
C GLU D 94 -71.53 5.63 -35.13
N ASN D 95 -71.54 5.59 -33.79
CA ASN D 95 -72.73 5.37 -32.98
C ASN D 95 -73.70 6.53 -33.09
N SER D 96 -73.18 7.78 -33.12
CA SER D 96 -73.99 8.99 -33.25
C SER D 96 -74.67 9.08 -34.63
N THR D 97 -73.93 8.72 -35.71
CA THR D 97 -74.41 8.72 -37.10
C THR D 97 -75.49 7.64 -37.26
N LEU D 98 -75.30 6.50 -36.58
CA LEU D 98 -76.25 5.42 -36.65
C LEU D 98 -77.52 5.77 -35.91
N ASP D 99 -77.40 6.41 -34.73
CA ASP D 99 -78.52 6.86 -33.89
C ASP D 99 -79.40 7.90 -34.59
N VAL D 100 -78.81 8.84 -35.38
CA VAL D 100 -79.57 9.88 -36.09
C VAL D 100 -80.38 9.27 -37.25
N GLU D 101 -79.81 8.26 -37.94
CA GLU D 101 -80.46 7.54 -39.04
C GLU D 101 -81.46 6.49 -38.53
N CYS D 102 -81.47 6.27 -37.20
CA CYS D 102 -82.38 5.40 -36.43
C CYS D 102 -83.38 6.33 -35.67
N HIS D 103 -83.20 7.66 -35.86
CA HIS D 103 -83.98 8.78 -35.31
C HIS D 103 -84.05 8.78 -33.78
N GLY E 1 88.05 1.33 71.25
CA GLY E 1 88.57 1.98 70.06
C GLY E 1 88.47 1.13 68.80
N PRO E 2 89.51 0.32 68.46
CA PRO E 2 89.45 -0.51 67.23
C PRO E 2 88.41 -1.64 67.28
N SER E 3 88.23 -2.25 68.46
CA SER E 3 87.25 -3.32 68.72
C SER E 3 85.85 -2.72 68.86
N GLN E 4 85.77 -1.46 69.38
CA GLN E 4 84.51 -0.72 69.55
C GLN E 4 83.88 -0.40 68.20
N GLU E 5 84.73 -0.10 67.18
CA GLU E 5 84.32 0.19 65.79
C GLU E 5 83.79 -1.08 65.15
N LEU E 6 84.37 -2.24 65.52
CA LEU E 6 83.98 -3.57 65.07
C LEU E 6 82.65 -3.97 65.68
N THR E 7 82.48 -3.71 67.02
CA THR E 7 81.21 -3.96 67.74
C THR E 7 80.09 -3.08 67.16
N ASN E 8 80.44 -1.86 66.67
CA ASN E 8 79.49 -0.92 66.04
C ASN E 8 78.95 -1.50 64.73
N GLU E 9 79.81 -2.16 63.92
CA GLU E 9 79.39 -2.77 62.66
C GLU E 9 78.48 -3.99 62.88
N LYS E 10 78.76 -4.78 63.95
CA LYS E 10 77.93 -5.94 64.30
C LYS E 10 76.55 -5.49 64.80
N GLU E 11 76.50 -4.36 65.54
CA GLU E 11 75.28 -3.74 66.06
C GLU E 11 74.41 -3.23 64.90
N LYS E 12 75.05 -2.59 63.90
CA LYS E 12 74.48 -2.04 62.68
C LYS E 12 73.85 -3.16 61.82
N ALA E 13 74.55 -4.29 61.65
CA ALA E 13 74.09 -5.45 60.89
C ALA E 13 72.84 -6.06 61.53
N LEU E 14 72.79 -6.11 62.89
CA LEU E 14 71.61 -6.60 63.60
C LEU E 14 70.42 -5.68 63.34
N GLN E 15 70.68 -4.35 63.39
CA GLN E 15 69.68 -3.35 63.14
C GLN E 15 69.16 -3.38 61.71
N ALA E 16 70.05 -3.67 60.72
CA ALA E 16 69.70 -3.78 59.30
C ALA E 16 68.70 -4.91 59.04
N GLN E 17 68.91 -6.09 59.68
CA GLN E 17 68.04 -7.27 59.56
C GLN E 17 66.64 -6.96 60.14
N VAL E 18 66.58 -6.21 61.28
CA VAL E 18 65.33 -5.80 61.93
C VAL E 18 64.51 -4.91 60.96
N GLN E 19 65.17 -3.87 60.40
CA GLN E 19 64.62 -2.91 59.46
C GLN E 19 64.11 -3.56 58.18
N TYR E 20 64.89 -4.52 57.61
CA TYR E 20 64.51 -5.24 56.40
C TYR E 20 63.20 -6.02 56.59
N GLN E 21 63.07 -6.75 57.73
CA GLN E 21 61.91 -7.57 58.11
C GLN E 21 60.68 -6.67 58.22
N GLN E 22 60.85 -5.47 58.82
CA GLN E 22 59.75 -4.52 58.96
C GLN E 22 59.27 -3.98 57.59
N GLN E 23 60.25 -3.64 56.71
CA GLN E 23 60.04 -3.13 55.36
C GLN E 23 59.44 -4.17 54.42
N HIS E 24 59.83 -5.43 54.61
CA HIS E 24 59.32 -6.55 53.84
C HIS E 24 57.82 -6.79 54.16
N GLU E 25 57.45 -6.70 55.45
CA GLU E 25 56.08 -6.83 55.94
C GLU E 25 55.21 -5.66 55.46
N GLN E 26 55.76 -4.43 55.50
CA GLN E 26 55.07 -3.23 55.07
C GLN E 26 54.80 -3.25 53.58
N GLN E 27 55.79 -3.69 52.74
CA GLN E 27 55.57 -3.78 51.29
C GLN E 27 54.42 -4.74 50.99
N LYS E 28 54.37 -5.91 51.69
CA LYS E 28 53.33 -6.90 51.51
C LYS E 28 51.95 -6.32 51.83
N LYS E 29 51.81 -5.64 53.00
CA LYS E 29 50.55 -4.99 53.41
C LYS E 29 50.08 -3.94 52.42
N ASP E 30 51.01 -3.10 51.91
CA ASP E 30 50.72 -2.04 50.94
C ASP E 30 50.24 -2.66 49.61
N LEU E 31 50.93 -3.72 49.14
CA LEU E 31 50.55 -4.42 47.91
C LEU E 31 49.16 -5.13 48.03
N GLU E 32 48.87 -5.70 49.20
CA GLU E 32 47.59 -6.36 49.52
C GLU E 32 46.45 -5.34 49.46
N ILE E 33 46.69 -4.09 49.96
CA ILE E 33 45.72 -2.99 49.92
C ILE E 33 45.39 -2.60 48.45
N LEU E 34 46.39 -2.29 47.58
CA LEU E 34 46.14 -1.94 46.16
C LEU E 34 45.32 -2.98 45.42
N HIS E 35 45.69 -4.24 45.63
CA HIS E 35 45.11 -5.37 44.98
C HIS E 35 43.68 -5.67 45.48
N GLN E 36 43.38 -5.42 46.77
CA GLN E 36 42.04 -5.54 47.36
C GLN E 36 41.13 -4.47 46.74
N GLN E 37 41.66 -3.28 46.46
CA GLN E 37 40.92 -2.18 45.85
C GLN E 37 40.59 -2.52 44.39
N ASN E 38 41.54 -3.19 43.67
CA ASN E 38 41.34 -3.60 42.28
C ASN E 38 40.28 -4.68 42.16
N ILE E 39 40.19 -5.56 43.19
CA ILE E 39 39.19 -6.62 43.31
C ILE E 39 37.82 -6.00 43.54
N HIS E 40 37.71 -5.01 44.44
CA HIS E 40 36.43 -4.35 44.71
C HIS E 40 35.92 -3.55 43.52
N GLN E 41 36.82 -2.96 42.70
CA GLN E 41 36.42 -2.24 41.49
C GLN E 41 35.84 -3.24 40.49
N LEU E 42 36.51 -4.42 40.32
CA LEU E 42 36.10 -5.49 39.41
C LEU E 42 34.78 -6.07 39.87
N GLN E 43 34.62 -6.29 41.19
CA GLN E 43 33.38 -6.81 41.80
C GLN E 43 32.23 -5.86 41.62
N ASN E 44 32.48 -4.54 41.63
CA ASN E 44 31.44 -3.54 41.41
C ASN E 44 30.95 -3.52 39.95
N ARG E 45 31.88 -3.63 38.96
CA ARG E 45 31.57 -3.68 37.52
C ARG E 45 30.79 -4.98 37.22
N SER E 47 28.82 -6.79 39.47
CA SER E 47 27.47 -6.69 40.03
C SER E 47 26.56 -5.83 39.14
N GLU E 48 27.14 -4.82 38.47
CA GLU E 48 26.47 -3.93 37.54
C GLU E 48 26.05 -4.73 36.28
N LEU E 49 26.94 -5.60 35.75
CA LEU E 49 26.69 -6.45 34.59
C LEU E 49 25.68 -7.55 34.89
N GLU E 50 25.66 -8.06 36.13
CA GLU E 50 24.70 -9.07 36.56
C GLU E 50 23.32 -8.49 36.65
N ALA E 51 23.20 -7.24 37.14
CA ALA E 51 21.92 -6.54 37.26
C ALA E 51 21.38 -6.17 35.87
N ALA E 52 22.27 -5.75 34.92
CA ALA E 52 21.87 -5.42 33.55
C ALA E 52 21.36 -6.69 32.85
N ASN E 53 22.02 -7.84 33.11
CA ASN E 53 21.62 -9.12 32.53
C ASN E 53 20.27 -9.57 33.06
N LYS E 54 20.02 -9.38 34.37
CA LYS E 54 18.76 -9.76 35.02
C LYS E 54 17.63 -8.92 34.42
N ASP E 55 17.88 -7.61 34.20
CA ASP E 55 16.91 -6.68 33.63
C ASP E 55 16.59 -7.06 32.18
N LEU E 56 17.61 -7.42 31.39
CA LEU E 56 17.42 -7.81 30.00
C LEU E 56 16.64 -9.11 29.86
N THR E 57 16.90 -10.10 30.73
CA THR E 57 16.23 -11.40 30.69
C THR E 57 14.74 -11.22 31.04
N GLU E 58 14.45 -10.31 32.00
CA GLU E 58 13.08 -9.99 32.43
C GLU E 58 12.30 -9.33 31.31
N ARG E 59 12.94 -8.39 30.58
CA ARG E 59 12.35 -7.66 29.46
C ARG E 59 12.14 -8.56 28.27
N LYS E 60 13.04 -9.56 28.07
CA LYS E 60 12.91 -10.53 27.01
C LYS E 60 11.70 -11.42 27.26
N TYR E 61 11.52 -11.90 28.52
CA TYR E 61 10.39 -12.74 28.93
C TYR E 61 9.07 -12.00 28.73
N LYS E 62 9.05 -10.69 29.05
CA LYS E 62 7.87 -9.83 28.87
C LYS E 62 7.55 -9.64 27.39
N GLY E 63 8.60 -9.46 26.58
CA GLY E 63 8.50 -9.32 25.13
C GLY E 63 7.94 -10.58 24.49
N ASP E 64 8.33 -11.76 24.97
CA ASP E 64 7.83 -13.02 24.43
C ASP E 64 6.34 -13.21 24.67
N SER E 65 5.86 -12.80 25.87
CA SER E 65 4.43 -12.92 26.21
C SER E 65 3.60 -11.89 25.43
N THR E 66 4.16 -10.68 25.16
CA THR E 66 3.48 -9.67 24.35
C THR E 66 3.31 -10.20 22.92
N ILE E 67 4.35 -10.82 22.35
CA ILE E 67 4.33 -11.44 21.02
C ILE E 67 3.22 -12.51 20.96
N ARG E 68 3.18 -13.39 21.98
CA ARG E 68 2.20 -14.47 22.11
C ARG E 68 0.76 -13.90 22.11
N GLU E 69 0.50 -12.81 22.86
CA GLU E 69 -0.83 -12.17 22.96
C GLU E 69 -1.20 -11.54 21.62
N LEU E 70 -0.23 -10.87 20.97
CA LEU E 70 -0.48 -10.25 19.67
C LEU E 70 -0.79 -11.25 18.57
N LYS E 71 -0.04 -12.37 18.49
CA LYS E 71 -0.26 -13.39 17.49
C LYS E 71 -1.64 -14.01 17.64
N ALA E 72 -2.08 -14.27 18.89
CA ALA E 72 -3.39 -14.85 19.20
C ALA E 72 -4.51 -13.86 18.87
N LYS E 73 -4.30 -12.55 19.15
CA LYS E 73 -5.25 -11.48 18.83
C LYS E 73 -5.38 -11.34 17.31
N LEU E 74 -4.23 -11.34 16.61
CA LEU E 74 -4.17 -11.22 15.16
C LEU E 74 -4.87 -12.40 14.49
N SER E 75 -4.64 -13.63 14.99
CA SER E 75 -5.27 -14.86 14.53
C SER E 75 -6.82 -14.77 14.63
N GLY E 76 -7.34 -14.22 15.73
CA GLY E 76 -8.77 -14.05 15.96
C GLY E 76 -9.42 -13.09 14.99
N VAL E 77 -8.80 -11.91 14.77
CA VAL E 77 -9.26 -10.85 13.86
C VAL E 77 -9.21 -11.34 12.38
N GLU E 78 -8.13 -12.03 11.97
CA GLU E 78 -7.98 -12.55 10.59
C GLU E 78 -9.08 -13.55 10.28
N GLU E 79 -9.43 -14.38 11.28
CA GLU E 79 -10.45 -15.40 11.19
C GLU E 79 -11.84 -14.75 11.07
N GLU E 80 -12.12 -13.74 11.92
CA GLU E 80 -13.37 -12.98 11.89
C GLU E 80 -13.49 -12.26 10.56
N LEU E 81 -12.39 -11.67 10.05
CA LEU E 81 -12.40 -11.00 8.74
C LEU E 81 -12.80 -11.98 7.61
N GLN E 82 -12.20 -13.19 7.57
CA GLN E 82 -12.52 -14.18 6.54
C GLN E 82 -14.00 -14.56 6.52
N ARG E 83 -14.60 -14.74 7.72
CA ARG E 83 -16.00 -15.07 7.91
C ARG E 83 -16.89 -13.95 7.37
N THR E 84 -16.55 -12.68 7.68
CA THR E 84 -17.31 -11.50 7.26
C THR E 84 -17.22 -11.29 5.75
N LYS E 85 -16.05 -11.61 5.15
CA LYS E 85 -15.84 -11.51 3.70
C LYS E 85 -16.76 -12.50 2.96
N GLN E 86 -16.94 -13.72 3.52
CA GLN E 86 -17.79 -14.75 2.94
C GLN E 86 -19.25 -14.35 3.08
N GLU E 87 -19.60 -13.62 4.16
CA GLU E 87 -20.94 -13.10 4.43
C GLU E 87 -21.29 -12.02 3.38
N VAL E 88 -20.31 -11.21 2.97
CA VAL E 88 -20.43 -10.18 1.92
C VAL E 88 -20.72 -10.86 0.59
N LEU E 89 -19.98 -11.93 0.25
CA LEU E 89 -20.17 -12.68 -0.99
C LEU E 89 -21.56 -13.29 -1.09
N SER E 90 -22.09 -13.86 0.01
CA SER E 90 -23.43 -14.43 0.02
C SER E 90 -24.50 -13.34 -0.05
N LEU E 91 -24.25 -12.16 0.57
CA LEU E 91 -25.17 -11.02 0.49
C LEU E 91 -25.21 -10.39 -0.92
N ARG E 92 -24.03 -10.35 -1.58
CA ARG E 92 -23.91 -9.88 -2.96
C ARG E 92 -24.70 -10.81 -3.91
N ARG E 93 -24.63 -12.16 -3.69
CA ARG E 93 -25.34 -13.20 -4.44
C ARG E 93 -26.86 -13.08 -4.25
N GLU E 94 -27.31 -12.83 -3.00
CA GLU E 94 -28.71 -12.62 -2.64
C GLU E 94 -29.27 -11.40 -3.37
N ASN E 95 -28.47 -10.32 -3.47
CA ASN E 95 -28.86 -9.09 -4.16
C ASN E 95 -29.07 -9.35 -5.68
N SER E 96 -28.19 -10.16 -6.30
CA SER E 96 -28.26 -10.51 -7.72
C SER E 96 -29.50 -11.35 -8.04
N THR E 97 -29.84 -12.32 -7.17
CA THR E 97 -31.00 -13.19 -7.34
C THR E 97 -32.29 -12.41 -7.16
N LEU E 98 -32.32 -11.42 -6.22
CA LEU E 98 -33.48 -10.56 -5.99
C LEU E 98 -33.69 -9.65 -7.19
N ASP E 99 -32.58 -9.05 -7.71
CA ASP E 99 -32.57 -8.16 -8.88
C ASP E 99 -33.12 -8.83 -10.16
N VAL E 100 -32.81 -10.13 -10.39
CA VAL E 100 -33.32 -10.85 -11.56
C VAL E 100 -34.84 -11.14 -11.42
N GLU E 101 -35.32 -11.32 -10.18
CA GLU E 101 -36.72 -11.55 -9.79
C GLU E 101 -37.54 -10.24 -9.85
N CYS E 102 -36.90 -9.11 -9.47
CA CYS E 102 -37.45 -7.75 -9.39
C CYS E 102 -37.57 -7.08 -10.76
N HIS E 103 -36.43 -6.97 -11.52
CA HIS E 103 -36.22 -6.34 -12.84
C HIS E 103 -35.93 -4.85 -12.72
N GLY F 1 94.88 -7.08 59.73
CA GLY F 1 94.41 -7.76 60.94
C GLY F 1 93.16 -7.13 61.54
N PRO F 2 93.29 -6.14 62.46
CA PRO F 2 92.08 -5.53 63.08
C PRO F 2 91.24 -4.71 62.11
N SER F 3 91.89 -4.01 61.16
CA SER F 3 91.27 -3.21 60.11
C SER F 3 90.73 -4.11 59.00
N GLN F 4 91.38 -5.29 58.78
CA GLN F 4 90.98 -6.27 57.76
C GLN F 4 89.62 -6.91 58.15
N GLU F 5 89.42 -7.13 59.46
CA GLU F 5 88.19 -7.70 60.05
C GLU F 5 87.08 -6.66 59.90
N LEU F 6 87.44 -5.36 60.03
CA LEU F 6 86.54 -4.22 59.90
C LEU F 6 86.11 -4.08 58.47
N THR F 7 87.09 -4.18 57.52
CA THR F 7 86.80 -4.08 56.08
C THR F 7 85.89 -5.23 55.66
N ASN F 8 86.04 -6.43 56.30
CA ASN F 8 85.20 -7.61 56.04
C ASN F 8 83.74 -7.35 56.45
N GLU F 9 83.50 -6.71 57.59
CA GLU F 9 82.16 -6.39 58.09
C GLU F 9 81.46 -5.36 57.21
N LYS F 10 82.22 -4.36 56.72
CA LYS F 10 81.67 -3.32 55.85
C LYS F 10 81.31 -3.91 54.49
N GLU F 11 82.13 -4.88 53.99
CA GLU F 11 81.92 -5.62 52.72
C GLU F 11 80.63 -6.44 52.82
N LYS F 12 80.43 -7.13 53.97
CA LYS F 12 79.30 -7.97 54.33
C LYS F 12 78.00 -7.15 54.37
N ALA F 13 78.03 -5.97 55.01
CA ALA F 13 76.90 -5.06 55.12
C ALA F 13 76.45 -4.57 53.75
N LEU F 14 77.40 -4.28 52.83
CA LEU F 14 77.08 -3.87 51.46
C LEU F 14 76.40 -5.03 50.74
N GLN F 15 76.94 -6.26 50.92
CA GLN F 15 76.36 -7.46 50.32
C GLN F 15 74.93 -7.75 50.85
N ALA F 16 74.70 -7.53 52.15
CA ALA F 16 73.41 -7.71 52.83
C ALA F 16 72.37 -6.73 52.27
N GLN F 17 72.77 -5.45 51.99
CA GLN F 17 71.86 -4.49 51.37
C GLN F 17 71.43 -4.92 49.96
N VAL F 18 72.38 -5.43 49.15
CA VAL F 18 72.15 -5.92 47.78
C VAL F 18 71.11 -7.04 47.83
N GLN F 19 71.29 -8.01 48.74
CA GLN F 19 70.43 -9.18 48.96
C GLN F 19 69.02 -8.77 49.39
N TYR F 20 68.91 -7.82 50.36
CA TYR F 20 67.64 -7.33 50.87
C TYR F 20 66.83 -6.66 49.75
N GLN F 21 67.53 -5.87 48.90
CA GLN F 21 66.91 -5.18 47.77
C GLN F 21 66.41 -6.17 46.74
N GLN F 22 67.17 -7.25 46.47
CA GLN F 22 66.73 -8.32 45.55
C GLN F 22 65.50 -9.06 46.09
N GLN F 23 65.45 -9.29 47.42
CA GLN F 23 64.35 -9.96 48.11
C GLN F 23 63.07 -9.11 48.09
N HIS F 24 63.22 -7.75 48.17
CA HIS F 24 62.12 -6.78 48.10
CA HIS F 24 62.11 -6.79 48.10
C HIS F 24 61.50 -6.82 46.71
N GLU F 25 62.36 -6.86 45.66
CA GLU F 25 61.89 -6.93 44.26
C GLU F 25 61.23 -8.27 43.98
N GLN F 26 61.79 -9.38 44.51
CA GLN F 26 61.26 -10.72 44.30
C GLN F 26 59.90 -10.88 44.95
N GLN F 27 59.70 -10.34 46.17
CA GLN F 27 58.41 -10.40 46.84
C GLN F 27 57.34 -9.67 46.01
N LYS F 28 57.68 -8.49 45.47
CA LYS F 28 56.79 -7.69 44.64
C LYS F 28 56.38 -8.49 43.39
N LYS F 29 57.35 -9.09 42.68
CA LYS F 29 57.08 -9.92 41.48
C LYS F 29 56.20 -11.12 41.78
N ASP F 30 56.45 -11.84 42.90
CA ASP F 30 55.66 -13.00 43.33
C ASP F 30 54.23 -12.59 43.64
N LEU F 31 54.06 -11.45 44.37
CA LEU F 31 52.72 -10.95 44.74
C LEU F 31 51.92 -10.53 43.50
N GLU F 32 52.59 -9.85 42.54
CA GLU F 32 52.03 -9.40 41.27
C GLU F 32 51.55 -10.57 40.43
N ILE F 33 52.30 -11.71 40.42
CA ILE F 33 51.89 -12.93 39.71
C ILE F 33 50.62 -13.54 40.32
N LEU F 34 50.60 -13.76 41.66
CA LEU F 34 49.48 -14.35 42.42
C LEU F 34 48.23 -13.50 42.29
N HIS F 35 48.42 -12.18 42.26
CA HIS F 35 47.36 -11.23 42.14
C HIS F 35 46.82 -11.16 40.70
N GLN F 36 47.72 -11.00 39.68
CA GLN F 36 47.36 -10.94 38.25
C GLN F 36 46.66 -12.21 37.80
N GLN F 37 46.84 -13.32 38.55
CA GLN F 37 46.18 -14.59 38.28
C GLN F 37 44.69 -14.48 38.56
N ASN F 38 44.30 -13.80 39.67
CA ASN F 38 42.90 -13.62 40.07
C ASN F 38 42.18 -12.55 39.25
N ILE F 39 42.91 -11.46 38.90
CA ILE F 39 42.47 -10.35 38.04
C ILE F 39 42.00 -10.91 36.69
N HIS F 40 42.85 -11.74 36.01
CA HIS F 40 42.60 -12.37 34.72
C HIS F 40 41.38 -13.30 34.77
N GLN F 41 41.19 -14.04 35.89
CA GLN F 41 40.03 -14.91 36.07
C GLN F 41 38.74 -14.07 36.14
N LEU F 42 38.75 -12.98 36.96
CA LEU F 42 37.63 -12.06 37.10
C LEU F 42 37.34 -11.36 35.80
N GLN F 43 38.39 -10.90 35.10
CA GLN F 43 38.28 -10.22 33.81
C GLN F 43 37.71 -11.10 32.76
N ASN F 44 37.99 -12.42 32.81
CA ASN F 44 37.45 -13.39 31.84
C ASN F 44 35.97 -13.61 32.00
N ARG F 45 35.49 -13.80 33.25
CA ARG F 45 34.09 -13.97 33.59
C ARG F 45 33.31 -12.68 33.22
N SER F 47 34.24 -10.25 30.82
CA SER F 47 34.21 -10.08 29.36
C SER F 47 33.14 -11.01 28.75
N GLU F 48 32.95 -12.19 29.35
CA GLU F 48 31.95 -13.17 28.97
C GLU F 48 30.55 -12.60 29.24
N LEU F 49 30.33 -11.97 30.41
CA LEU F 49 29.06 -11.35 30.80
C LEU F 49 28.75 -10.09 29.98
N GLU F 50 29.78 -9.35 29.52
CA GLU F 50 29.57 -8.19 28.65
C GLU F 50 29.12 -8.64 27.26
N ALA F 51 29.71 -9.75 26.76
CA ALA F 51 29.34 -10.30 25.46
C ALA F 51 27.94 -10.93 25.50
N ALA F 52 27.57 -11.59 26.62
CA ALA F 52 26.22 -12.14 26.82
C ALA F 52 25.20 -11.00 26.86
N ASN F 53 25.55 -9.86 27.47
CA ASN F 53 24.68 -8.70 27.53
C ASN F 53 24.50 -8.07 26.16
N LYS F 54 25.56 -8.02 25.33
CA LYS F 54 25.49 -7.48 23.98
C LYS F 54 24.55 -8.34 23.13
N ASP F 55 24.65 -9.67 23.27
CA ASP F 55 23.80 -10.64 22.58
C ASP F 55 22.35 -10.55 23.01
N LEU F 56 22.10 -10.35 24.32
CA LEU F 56 20.74 -10.18 24.84
C LEU F 56 20.09 -8.87 24.35
N THR F 57 20.85 -7.78 24.27
CA THR F 57 20.34 -6.48 23.84
C THR F 57 19.94 -6.56 22.37
N GLU F 58 20.72 -7.31 21.56
CA GLU F 58 20.45 -7.54 20.14
C GLU F 58 19.18 -8.35 19.93
N ARG F 59 18.96 -9.38 20.76
CA ARG F 59 17.77 -10.24 20.74
C ARG F 59 16.54 -9.49 21.23
N LYS F 60 16.70 -8.59 22.20
CA LYS F 60 15.62 -7.76 22.72
C LYS F 60 15.19 -6.78 21.63
N TYR F 61 16.17 -6.22 20.87
CA TYR F 61 15.99 -5.29 19.76
C TYR F 61 15.22 -5.92 18.63
N LYS F 62 15.48 -7.21 18.35
CA LYS F 62 14.77 -8.03 17.36
C LYS F 62 13.34 -8.28 17.85
N GLY F 63 13.20 -8.50 19.16
CA GLY F 63 11.94 -8.70 19.85
C GLY F 63 11.03 -7.48 19.75
N ASP F 64 11.58 -6.28 19.84
CA ASP F 64 10.86 -5.01 19.76
C ASP F 64 10.36 -4.73 18.35
N SER F 65 11.15 -5.10 17.32
CA SER F 65 10.77 -4.90 15.92
C SER F 65 9.65 -5.87 15.52
N THR F 66 9.65 -7.10 16.05
CA THR F 66 8.60 -8.08 15.84
C THR F 66 7.29 -7.54 16.42
N ILE F 67 7.33 -6.97 17.63
CA ILE F 67 6.16 -6.37 18.29
C ILE F 67 5.60 -5.21 17.42
N ARG F 68 6.49 -4.34 16.92
CA ARG F 68 6.15 -3.21 16.06
C ARG F 68 5.42 -3.70 14.77
N GLU F 69 5.93 -4.78 14.13
CA GLU F 69 5.38 -5.35 12.91
C GLU F 69 4.02 -5.94 13.20
N LEU F 70 3.86 -6.65 14.33
CA LEU F 70 2.60 -7.28 14.70
C LEU F 70 1.51 -6.27 15.00
N LYS F 71 1.83 -5.19 15.73
CA LYS F 71 0.86 -4.15 16.07
C LYS F 71 0.34 -3.45 14.81
N ALA F 72 1.24 -3.17 13.84
CA ALA F 72 0.90 -2.50 12.57
C ALA F 72 0.08 -3.43 11.69
N LYS F 73 0.40 -4.75 11.70
CA LYS F 73 -0.35 -5.76 10.94
C LYS F 73 -1.77 -5.88 11.52
N LEU F 74 -1.87 -5.96 12.86
CA LEU F 74 -3.12 -6.04 13.59
C LEU F 74 -4.02 -4.82 13.32
N SER F 75 -3.45 -3.61 13.33
CA SER F 75 -4.23 -2.40 13.06
C SER F 75 -4.81 -2.38 11.63
N GLY F 76 -4.04 -2.89 10.66
CA GLY F 76 -4.50 -2.98 9.27
C GLY F 76 -5.70 -3.89 9.11
N VAL F 77 -5.62 -5.10 9.72
CA VAL F 77 -6.66 -6.12 9.69
C VAL F 77 -7.95 -5.66 10.45
N GLU F 78 -7.79 -4.99 11.62
CA GLU F 78 -8.93 -4.50 12.41
C GLU F 78 -9.72 -3.45 11.62
N GLU F 79 -8.98 -2.60 10.87
CA GLU F 79 -9.52 -1.55 10.02
C GLU F 79 -10.27 -2.16 8.83
N GLU F 80 -9.69 -3.21 8.19
CA GLU F 80 -10.31 -3.93 7.08
C GLU F 80 -11.58 -4.62 7.57
N LEU F 81 -11.54 -5.22 8.78
CA LEU F 81 -12.71 -5.87 9.38
C LEU F 81 -13.87 -4.88 9.57
N GLN F 82 -13.60 -3.69 10.11
CA GLN F 82 -14.61 -2.66 10.32
C GLN F 82 -15.29 -2.23 9.02
N ARG F 83 -14.50 -2.05 7.90
CA ARG F 83 -15.09 -1.67 6.60
C ARG F 83 -16.02 -2.79 6.14
N THR F 84 -15.55 -4.06 6.19
CA THR F 84 -16.32 -5.22 5.72
C THR F 84 -17.64 -5.39 6.52
N LYS F 85 -17.61 -5.09 7.83
CA LYS F 85 -18.80 -5.16 8.69
C LYS F 85 -19.83 -4.13 8.25
N GLN F 86 -19.39 -2.92 7.85
CA GLN F 86 -20.24 -1.83 7.35
C GLN F 86 -20.82 -2.20 5.98
N GLU F 87 -20.04 -2.96 5.16
CA GLU F 87 -20.45 -3.45 3.84
C GLU F 87 -21.59 -4.46 4.00
N VAL F 88 -21.52 -5.31 5.06
CA VAL F 88 -22.55 -6.30 5.39
C VAL F 88 -23.85 -5.57 5.73
N LEU F 89 -23.79 -4.54 6.58
CA LEU F 89 -24.96 -3.73 6.98
C LEU F 89 -25.65 -3.06 5.79
N SER F 90 -24.83 -2.52 4.88
CA SER F 90 -25.26 -1.88 3.64
C SER F 90 -25.97 -2.90 2.74
N LEU F 91 -25.39 -4.11 2.61
CA LEU F 91 -25.95 -5.18 1.78
C LEU F 91 -27.23 -5.74 2.36
N ARG F 92 -27.35 -5.79 3.70
CA ARG F 92 -28.54 -6.29 4.39
C ARG F 92 -29.71 -5.33 4.14
N ARG F 93 -29.42 -3.99 4.13
CA ARG F 93 -30.41 -2.95 3.85
C ARG F 93 -30.97 -3.09 2.44
N GLU F 94 -30.07 -3.09 1.43
CA GLU F 94 -30.36 -3.27 0.00
C GLU F 94 -31.17 -4.54 -0.27
N ASN F 95 -30.90 -5.63 0.49
CA ASN F 95 -31.60 -6.91 0.34
C ASN F 95 -33.01 -6.87 0.94
N SER F 96 -33.14 -6.25 2.13
CA SER F 96 -34.41 -6.10 2.82
C SER F 96 -35.44 -5.24 2.05
N THR F 97 -35.00 -4.13 1.43
CA THR F 97 -35.88 -3.25 0.67
C THR F 97 -36.25 -3.89 -0.66
N LEU F 98 -35.33 -4.68 -1.25
CA LEU F 98 -35.66 -5.38 -2.50
C LEU F 98 -36.68 -6.48 -2.19
N ASP F 99 -36.50 -7.21 -1.07
CA ASP F 99 -37.40 -8.29 -0.61
C ASP F 99 -38.84 -7.79 -0.36
N VAL F 100 -39.02 -6.57 0.20
CA VAL F 100 -40.33 -5.98 0.47
C VAL F 100 -41.03 -5.51 -0.81
N GLU F 101 -40.32 -4.68 -1.64
CA GLU F 101 -40.77 -4.11 -2.92
C GLU F 101 -40.86 -5.20 -4.00
#